data_5GHV
#
_entry.id   5GHV
#
_cell.length_a   40.269
_cell.length_b   41.501
_cell.length_c   85.091
_cell.angle_alpha   89.99
_cell.angle_beta   90.01
_cell.angle_gamma   98.90
#
_symmetry.space_group_name_H-M   'P 1'
#
loop_
_entity.id
_entity.type
_entity.pdbx_description
1 polymer 'Tyrosine-protein kinase SYK'
2 non-polymer 1-({1-[2-({3,5-dimethyl-4-[2-(pyrrolidin-1-yl)ethoxy]phenyl}amino)pyrimidin-4-yl]-4-methyl-1H-pyrrol-3-yl}methyl)azetidin-3-ol
3 water water
#
_entity_poly.entity_id   1
_entity_poly.type   'polypeptide(L)'
_entity_poly.pdbx_seq_one_letter_code
;EEIRPKEVYLDRKLLTLEDKELGSGNFGTVKKGYYQMKKVVKTVAVKILKNEANDPALKDELLAEANVMQQLDNPYIVRM
IGICEAESWMLVMEMAELGPLNKYLQQNRHVKDKNIIELVHQVSMGMKYLEESNFVHRDLAARNVLLVTQHYAKISDFGL
SKALRADENYYKAQTHGKWPVKWYAPECINYYKFSSKSDVWSFGVLMWEAFSYGQKPYRGMKGSEVTAMLEKGERMGCPA
GCPREMYDLMNLCWTYDVENRPGFAAVELRLRNYYYDVVNLEHHHHHHHH
;
_entity_poly.pdbx_strand_id   A,B
#
# COMPACT_ATOMS: atom_id res chain seq x y z
N VAL A 8 4.46 14.21 -23.14
CA VAL A 8 3.90 12.92 -22.74
C VAL A 8 4.79 11.79 -23.18
N TYR A 9 6.10 12.11 -23.24
CA TYR A 9 7.16 11.15 -23.51
C TYR A 9 8.12 11.19 -22.39
N LEU A 10 8.33 10.04 -21.80
CA LEU A 10 9.03 9.90 -20.51
C LEU A 10 10.50 9.54 -20.68
N ASP A 11 11.29 9.92 -19.67
CA ASP A 11 12.74 9.73 -19.66
C ASP A 11 13.05 8.37 -19.05
N ARG A 12 13.84 7.55 -19.76
CA ARG A 12 14.12 6.17 -19.33
C ARG A 12 14.99 6.10 -18.08
N LYS A 13 15.96 7.01 -17.95
CA LYS A 13 16.82 7.07 -16.76
C LYS A 13 16.10 7.51 -15.47
N LEU A 14 14.92 8.11 -15.60
CA LEU A 14 14.07 8.41 -14.45
C LEU A 14 13.22 7.20 -13.98
N LEU A 15 12.85 6.33 -14.91
CA LEU A 15 12.08 5.11 -14.59
C LEU A 15 12.97 4.02 -13.97
N THR A 16 12.39 3.25 -13.05
CA THR A 16 13.06 2.10 -12.43
C THR A 16 12.05 0.96 -12.25
N LEU A 17 12.21 -0.09 -13.05
CA LEU A 17 11.25 -1.22 -13.07
C LEU A 17 11.67 -2.35 -12.13
N GLU A 18 10.67 -3.06 -11.62
CA GLU A 18 10.88 -4.28 -10.83
C GLU A 18 11.27 -5.43 -11.75
N ASP A 19 11.83 -6.49 -11.17
CA ASP A 19 12.10 -7.74 -11.89
C ASP A 19 10.83 -8.59 -12.00
N LYS A 20 10.00 -8.52 -10.94
CA LYS A 20 8.71 -9.22 -10.89
C LYS A 20 7.74 -8.75 -11.99
N GLU A 21 6.95 -9.70 -12.51
CA GLU A 21 5.88 -9.41 -13.47
C GLU A 21 4.53 -9.43 -12.75
N LEU A 22 3.67 -8.48 -13.09
CA LEU A 22 2.29 -8.45 -12.59
C LEU A 22 1.42 -9.33 -13.49
N GLY A 23 1.47 -9.05 -14.79
CA GLY A 23 0.72 -9.80 -15.81
C GLY A 23 1.56 -10.07 -17.04
N SER A 24 1.10 -11.03 -17.85
CA SER A 24 1.82 -11.45 -19.06
C SER A 24 0.85 -11.81 -20.18
N GLY A 25 1.01 -11.17 -21.33
CA GLY A 25 0.26 -11.50 -22.55
C GLY A 25 1.20 -11.54 -23.75
N ASN A 26 0.62 -11.59 -24.95
CA ASN A 26 1.39 -11.56 -26.21
C ASN A 26 2.16 -10.25 -26.43
N PHE A 27 1.59 -9.15 -25.95
CA PHE A 27 2.29 -7.85 -25.90
C PHE A 27 3.67 -7.95 -25.23
N GLY A 28 3.73 -8.64 -24.09
CA GLY A 28 4.99 -8.83 -23.37
C GLY A 28 4.78 -9.03 -21.88
N THR A 29 4.73 -7.91 -21.14
CA THR A 29 4.63 -7.93 -19.68
C THR A 29 3.94 -6.68 -19.14
N VAL A 30 3.53 -6.76 -17.88
CA VAL A 30 3.16 -5.58 -17.08
C VAL A 30 3.97 -5.69 -15.80
N LYS A 31 4.76 -4.66 -15.50
CA LYS A 31 5.65 -4.65 -14.33
C LYS A 31 5.46 -3.41 -13.47
N LYS A 32 5.57 -3.59 -12.16
CA LYS A 32 5.55 -2.46 -11.22
C LYS A 32 6.88 -1.71 -11.31
N GLY A 33 6.84 -0.41 -11.08
CA GLY A 33 8.02 0.44 -11.20
C GLY A 33 7.85 1.79 -10.55
N TYR A 34 8.89 2.61 -10.65
CA TYR A 34 8.94 3.92 -9.99
C TYR A 34 9.43 4.98 -10.97
N TYR A 35 8.55 5.93 -11.29
CA TYR A 35 8.93 7.08 -12.13
C TYR A 35 9.26 8.29 -11.26
N GLN A 36 10.47 8.81 -11.43
CA GLN A 36 10.96 9.93 -10.64
C GLN A 36 10.37 11.25 -11.15
N MET A 37 9.49 11.84 -10.36
CA MET A 37 8.84 13.13 -10.70
C MET A 37 9.70 14.28 -10.14
N LYS A 38 9.10 15.47 -9.96
CA LYS A 38 9.85 16.68 -9.54
C LYS A 38 10.71 16.47 -8.30
N LYS A 39 10.08 16.06 -7.19
CA LYS A 39 10.79 15.63 -5.98
C LYS A 39 10.29 14.23 -5.58
N VAL A 40 8.99 14.12 -5.33
CA VAL A 40 8.36 12.83 -5.01
C VAL A 40 8.50 11.82 -6.15
N VAL A 41 8.69 10.55 -5.79
CA VAL A 41 8.75 9.45 -6.75
C VAL A 41 7.38 8.78 -6.79
N LYS A 42 6.82 8.66 -8.00
CA LYS A 42 5.51 8.02 -8.19
C LYS A 42 5.67 6.54 -8.55
N THR A 43 4.79 5.71 -7.99
CA THR A 43 4.73 4.29 -8.28
C THR A 43 3.87 4.08 -9.52
N VAL A 44 4.33 3.24 -10.45
CA VAL A 44 3.69 3.06 -11.75
C VAL A 44 3.61 1.59 -12.18
N ALA A 45 2.56 1.26 -12.93
CA ALA A 45 2.44 -0.02 -13.63
C ALA A 45 2.77 0.23 -15.08
N VAL A 46 3.80 -0.47 -15.59
CA VAL A 46 4.30 -0.24 -16.95
C VAL A 46 4.08 -1.48 -17.82
N LYS A 47 3.44 -1.28 -18.98
CA LYS A 47 3.18 -2.34 -19.95
C LYS A 47 4.30 -2.38 -21.00
N ILE A 48 5.22 -3.35 -20.87
CA ILE A 48 6.41 -3.46 -21.72
C ILE A 48 6.12 -4.38 -22.93
N LEU A 49 6.75 -4.08 -24.07
CA LEU A 49 6.47 -4.77 -25.33
C LEU A 49 7.50 -5.85 -25.68
N LYS A 50 7.08 -6.79 -26.53
CA LYS A 50 7.89 -7.93 -26.99
C LYS A 50 7.85 -7.99 -28.53
N ASN A 51 8.62 -7.10 -29.16
CA ASN A 51 8.63 -6.95 -30.63
C ASN A 51 7.27 -6.68 -31.24
N PRO A 56 6.53 -7.96 -35.71
CA PRO A 56 5.42 -8.04 -36.64
C PRO A 56 4.54 -6.77 -36.71
N ALA A 57 5.06 -5.64 -36.21
CA ALA A 57 4.35 -4.35 -36.19
C ALA A 57 3.02 -4.38 -35.42
N LEU A 58 3.07 -4.91 -34.19
CA LEU A 58 1.98 -4.79 -33.21
C LEU A 58 2.28 -3.62 -32.23
N LYS A 59 3.15 -2.71 -32.66
CA LYS A 59 3.52 -1.52 -31.89
C LYS A 59 2.50 -0.41 -32.12
N ASP A 60 1.75 -0.50 -33.21
CA ASP A 60 0.65 0.43 -33.50
C ASP A 60 -0.53 0.18 -32.56
N GLU A 61 -0.76 -1.08 -32.22
CA GLU A 61 -1.80 -1.48 -31.25
C GLU A 61 -1.59 -0.85 -29.87
N LEU A 62 -0.34 -0.81 -29.41
CA LEU A 62 0.01 -0.19 -28.14
C LEU A 62 -0.13 1.33 -28.21
N LEU A 63 0.39 1.93 -29.28
CA LEU A 63 0.22 3.37 -29.55
C LEU A 63 -1.25 3.81 -29.57
N ALA A 64 -2.12 2.95 -30.11
CA ALA A 64 -3.57 3.20 -30.12
C ALA A 64 -4.14 3.24 -28.71
N GLU A 65 -3.75 2.26 -27.88
CA GLU A 65 -4.17 2.21 -26.47
C GLU A 65 -3.71 3.44 -25.69
N ALA A 66 -2.44 3.80 -25.87
CA ALA A 66 -1.88 5.02 -25.26
C ALA A 66 -2.60 6.28 -25.73
N ASN A 67 -2.94 6.33 -27.01
CA ASN A 67 -3.66 7.46 -27.59
C ASN A 67 -5.07 7.64 -27.02
N VAL A 68 -5.74 6.53 -26.71
CA VAL A 68 -7.06 6.57 -26.06
C VAL A 68 -6.93 7.09 -24.63
N MET A 69 -5.98 6.55 -23.87
CA MET A 69 -5.76 6.93 -22.47
C MET A 69 -5.26 8.37 -22.32
N GLN A 70 -4.51 8.84 -23.31
CA GLN A 70 -4.06 10.24 -23.39
C GLN A 70 -5.23 11.23 -23.34
N GLN A 71 -6.29 10.92 -24.08
CA GLN A 71 -7.49 11.76 -24.14
C GLN A 71 -8.35 11.66 -22.88
N LEU A 72 -8.37 10.48 -22.26
CA LEU A 72 -9.20 10.24 -21.06
C LEU A 72 -8.62 10.90 -19.82
N ASP A 73 -9.52 11.39 -18.96
CA ASP A 73 -9.16 12.10 -17.75
C ASP A 73 -10.36 12.04 -16.79
N ASN A 74 -10.30 11.08 -15.85
CA ASN A 74 -11.43 10.81 -14.94
C ASN A 74 -10.96 10.07 -13.68
N PRO A 75 -11.54 10.39 -12.50
CA PRO A 75 -11.23 9.70 -11.23
C PRO A 75 -11.29 8.16 -11.26
N TYR A 76 -12.23 7.59 -12.02
CA TYR A 76 -12.47 6.15 -12.04
C TYR A 76 -12.00 5.47 -13.33
N ILE A 77 -10.94 6.03 -13.92
CA ILE A 77 -10.26 5.43 -15.07
C ILE A 77 -8.77 5.44 -14.75
N VAL A 78 -8.06 4.39 -15.17
CA VAL A 78 -6.61 4.29 -14.96
C VAL A 78 -5.91 5.38 -15.78
N ARG A 79 -5.17 6.25 -15.10
CA ARG A 79 -4.47 7.35 -15.75
C ARG A 79 -3.15 6.90 -16.38
N MET A 80 -2.88 7.39 -17.58
CA MET A 80 -1.61 7.19 -18.25
C MET A 80 -0.69 8.34 -17.88
N ILE A 81 0.53 8.00 -17.48
CA ILE A 81 1.56 9.01 -17.20
C ILE A 81 2.23 9.40 -18.53
N GLY A 82 2.68 8.39 -19.29
CA GLY A 82 3.25 8.62 -20.61
C GLY A 82 3.83 7.40 -21.31
N ILE A 83 4.48 7.65 -22.44
CA ILE A 83 5.13 6.61 -23.25
C ILE A 83 6.64 6.73 -23.10
N CYS A 84 7.34 5.60 -23.16
CA CYS A 84 8.81 5.56 -23.05
C CYS A 84 9.45 4.66 -24.12
N GLU A 85 10.08 5.28 -25.11
CA GLU A 85 10.80 4.57 -26.17
C GLU A 85 12.23 4.26 -25.70
N ALA A 86 12.48 3.01 -25.31
CA ALA A 86 13.80 2.57 -24.86
C ALA A 86 13.86 1.04 -24.76
N GLU A 87 14.64 0.41 -25.64
CA GLU A 87 14.82 -1.07 -25.69
C GLU A 87 13.56 -1.85 -26.13
N SER A 88 12.41 -1.47 -25.57
CA SER A 88 11.10 -1.89 -26.04
C SER A 88 10.11 -0.79 -25.67
N TRP A 89 8.98 -0.72 -26.36
CA TRP A 89 7.96 0.31 -26.08
C TRP A 89 7.28 0.03 -24.74
N MET A 90 6.96 1.10 -24.03
CA MET A 90 6.44 1.02 -22.66
C MET A 90 5.30 2.02 -22.45
N LEU A 91 4.13 1.50 -22.05
CA LEU A 91 3.00 2.33 -21.67
C LEU A 91 2.97 2.48 -20.15
N VAL A 92 3.30 3.66 -19.66
CA VAL A 92 3.44 3.92 -18.22
C VAL A 92 2.14 4.50 -17.65
N MET A 93 1.62 3.85 -16.61
CA MET A 93 0.33 4.20 -16.00
C MET A 93 0.49 4.31 -14.49
N GLU A 94 -0.46 4.97 -13.82
CA GLU A 94 -0.48 5.02 -12.35
C GLU A 94 -0.88 3.65 -11.77
N MET A 95 -0.40 3.37 -10.56
CA MET A 95 -0.50 2.04 -9.95
C MET A 95 -1.73 1.90 -9.04
N ALA A 96 -2.62 0.97 -9.40
CA ALA A 96 -3.72 0.54 -8.53
C ALA A 96 -3.26 -0.73 -7.81
N GLU A 97 -2.88 -0.56 -6.55
CA GLU A 97 -2.07 -1.55 -5.81
C GLU A 97 -2.76 -2.90 -5.54
N LEU A 98 -4.08 -2.89 -5.32
CA LEU A 98 -4.82 -4.12 -4.97
C LEU A 98 -5.14 -5.04 -6.15
N GLY A 99 -5.19 -4.50 -7.37
CA GLY A 99 -5.31 -5.31 -8.58
C GLY A 99 -6.72 -5.62 -9.03
N PRO A 100 -6.87 -6.59 -9.97
CA PRO A 100 -8.15 -6.99 -10.54
C PRO A 100 -9.27 -7.20 -9.51
N LEU A 101 -10.45 -6.70 -9.82
CA LEU A 101 -11.63 -6.77 -8.94
C LEU A 101 -12.07 -8.23 -8.70
N ASN A 102 -12.14 -9.01 -9.77
CA ASN A 102 -12.49 -10.43 -9.68
C ASN A 102 -11.59 -11.21 -8.71
N LYS A 103 -10.28 -10.99 -8.79
CA LYS A 103 -9.31 -11.72 -7.97
C LYS A 103 -9.34 -11.27 -6.51
N TYR A 104 -9.59 -9.98 -6.28
CA TYR A 104 -9.72 -9.45 -4.93
C TYR A 104 -10.92 -10.05 -4.22
N LEU A 105 -12.09 -9.96 -4.86
CA LEU A 105 -13.33 -10.48 -4.28
C LEU A 105 -13.34 -12.01 -4.11
N GLN A 106 -12.64 -12.72 -4.98
CA GLN A 106 -12.42 -14.17 -4.82
C GLN A 106 -11.81 -14.51 -3.46
N GLN A 107 -10.80 -13.74 -3.04
CA GLN A 107 -10.09 -13.96 -1.78
C GLN A 107 -10.41 -12.91 -0.69
N ASN A 108 -11.58 -12.27 -0.80
CA ASN A 108 -12.11 -11.39 0.24
C ASN A 108 -13.63 -11.55 0.32
N ARG A 109 -14.05 -12.74 0.77
CA ARG A 109 -15.47 -13.10 0.86
C ARG A 109 -16.22 -12.33 1.95
N HIS A 110 -15.48 -11.80 2.93
CA HIS A 110 -16.03 -10.90 3.95
C HIS A 110 -16.55 -9.55 3.42
N VAL A 111 -16.15 -9.16 2.20
CA VAL A 111 -16.54 -7.87 1.62
C VAL A 111 -18.07 -7.77 1.58
N LYS A 112 -18.62 -6.83 2.34
CA LYS A 112 -20.07 -6.65 2.46
C LYS A 112 -20.68 -6.13 1.16
N ASP A 113 -21.96 -6.44 0.95
CA ASP A 113 -22.69 -6.05 -0.26
C ASP A 113 -22.78 -4.54 -0.50
N LYS A 114 -22.77 -3.75 0.58
CA LYS A 114 -22.67 -2.29 0.48
C LYS A 114 -21.39 -1.87 -0.25
N ASN A 115 -20.28 -2.51 0.09
CA ASN A 115 -18.97 -2.26 -0.52
C ASN A 115 -18.93 -2.59 -2.03
N ILE A 116 -19.65 -3.63 -2.42
CA ILE A 116 -19.72 -4.03 -3.83
C ILE A 116 -20.57 -3.04 -4.64
N ILE A 117 -21.63 -2.52 -4.03
CA ILE A 117 -22.46 -1.48 -4.66
C ILE A 117 -21.64 -0.21 -4.89
N GLU A 118 -20.84 0.16 -3.88
CA GLU A 118 -19.90 1.29 -3.99
C GLU A 118 -18.92 1.10 -5.15
N LEU A 119 -18.31 -0.07 -5.22
CA LEU A 119 -17.30 -0.37 -6.26
C LEU A 119 -17.86 -0.39 -7.68
N VAL A 120 -19.02 -1.02 -7.89
CA VAL A 120 -19.64 -1.05 -9.22
C VAL A 120 -20.26 0.29 -9.65
N HIS A 121 -20.75 1.06 -8.68
CA HIS A 121 -21.22 2.43 -8.95
C HIS A 121 -20.09 3.33 -9.45
N GLN A 122 -18.90 3.17 -8.86
CA GLN A 122 -17.71 3.88 -9.34
C GLN A 122 -17.36 3.52 -10.79
N VAL A 123 -17.50 2.24 -11.13
CA VAL A 123 -17.29 1.78 -12.51
C VAL A 123 -18.34 2.42 -13.44
N SER A 124 -19.59 2.50 -13.00
CA SER A 124 -20.68 3.12 -13.77
C SER A 124 -20.43 4.60 -14.07
N MET A 125 -19.84 5.32 -13.11
CA MET A 125 -19.47 6.73 -13.30
C MET A 125 -18.32 6.91 -14.28
N GLY A 126 -17.36 5.98 -14.28
CA GLY A 126 -16.28 5.98 -15.27
C GLY A 126 -16.79 5.72 -16.68
N MET A 127 -17.75 4.79 -16.79
CA MET A 127 -18.40 4.51 -18.08
C MET A 127 -19.38 5.60 -18.51
N LYS A 128 -19.98 6.30 -17.54
CA LYS A 128 -20.78 7.50 -17.80
C LYS A 128 -19.92 8.59 -18.47
N TYR A 129 -18.72 8.79 -17.92
CA TYR A 129 -17.72 9.68 -18.54
C TYR A 129 -17.29 9.18 -19.91
N LEU A 130 -17.03 7.87 -20.00
CA LEU A 130 -16.62 7.23 -21.27
C LEU A 130 -17.68 7.38 -22.36
N GLU A 131 -18.95 7.31 -21.95
CA GLU A 131 -20.09 7.51 -22.86
C GLU A 131 -20.20 8.97 -23.31
N GLU A 132 -20.10 9.91 -22.36
CA GLU A 132 -20.07 11.35 -22.65
C GLU A 132 -18.90 11.73 -23.57
N SER A 133 -17.72 11.18 -23.27
CA SER A 133 -16.51 11.41 -24.08
C SER A 133 -16.52 10.66 -25.42
N ASN A 134 -17.53 9.82 -25.65
CA ASN A 134 -17.78 9.15 -26.94
C ASN A 134 -16.72 8.08 -27.29
N PHE A 135 -16.40 7.28 -26.28
CA PHE A 135 -15.49 6.15 -26.40
C PHE A 135 -16.23 4.88 -26.04
N VAL A 136 -15.99 3.81 -26.81
CA VAL A 136 -16.49 2.48 -26.49
C VAL A 136 -15.31 1.66 -25.96
N HIS A 137 -15.52 0.99 -24.83
CA HIS A 137 -14.47 0.18 -24.19
C HIS A 137 -14.26 -1.14 -24.92
N ARG A 138 -15.33 -1.89 -24.97
CA ARG A 138 -15.39 -3.14 -25.70
C ARG A 138 -14.74 -4.34 -25.04
N ASP A 139 -14.37 -4.18 -23.80
CA ASP A 139 -13.84 -5.24 -23.02
C ASP A 139 -14.08 -4.87 -21.60
N LEU A 140 -15.32 -4.68 -21.20
CA LEU A 140 -15.57 -4.33 -19.83
C LEU A 140 -15.91 -5.52 -19.01
N ALA A 141 -14.93 -5.99 -18.26
CA ALA A 141 -15.07 -7.16 -17.38
C ALA A 141 -14.50 -6.86 -16.00
N ALA A 142 -14.77 -7.77 -15.06
CA ALA A 142 -14.25 -7.65 -13.69
C ALA A 142 -12.73 -7.79 -13.60
N ARG A 143 -12.14 -8.58 -14.50
CA ARG A 143 -10.68 -8.64 -14.66
C ARG A 143 -10.03 -7.29 -15.01
N ASN A 144 -10.76 -6.46 -15.75
CA ASN A 144 -10.29 -5.13 -16.18
C ASN A 144 -10.74 -3.96 -15.29
N VAL A 145 -11.22 -4.26 -14.08
CA VAL A 145 -11.43 -3.24 -13.04
C VAL A 145 -10.36 -3.45 -11.97
N LEU A 146 -9.55 -2.42 -11.75
CA LEU A 146 -8.45 -2.49 -10.80
C LEU A 146 -8.77 -1.65 -9.55
N LEU A 147 -8.37 -2.16 -8.39
CA LEU A 147 -8.66 -1.52 -7.10
C LEU A 147 -7.44 -0.77 -6.57
N VAL A 148 -7.64 0.51 -6.22
CA VAL A 148 -6.61 1.31 -5.56
C VAL A 148 -6.72 1.04 -4.06
N THR A 149 -7.95 1.18 -3.54
CA THR A 149 -8.31 0.75 -2.20
C THR A 149 -9.50 -0.18 -2.29
N GLN A 150 -9.91 -0.72 -1.14
CA GLN A 150 -11.14 -1.51 -1.05
C GLN A 150 -12.39 -0.69 -1.43
N HIS A 151 -12.32 0.63 -1.29
CA HIS A 151 -13.41 1.54 -1.63
C HIS A 151 -13.06 2.51 -2.77
N TYR A 152 -12.29 2.06 -3.76
CA TYR A 152 -11.91 2.90 -4.90
C TYR A 152 -11.43 2.07 -6.09
N ALA A 153 -12.24 2.05 -7.15
CA ALA A 153 -11.99 1.25 -8.36
C ALA A 153 -11.68 2.12 -9.57
N LYS A 154 -10.95 1.55 -10.53
CA LYS A 154 -10.62 2.19 -11.81
C LYS A 154 -10.77 1.18 -12.94
N ILE A 155 -11.27 1.66 -14.09
CA ILE A 155 -11.41 0.83 -15.28
C ILE A 155 -10.08 0.84 -16.04
N SER A 156 -9.61 -0.34 -16.44
CA SER A 156 -8.33 -0.52 -17.11
C SER A 156 -8.49 -1.17 -18.49
N ASP A 157 -7.36 -1.32 -19.18
CA ASP A 157 -7.27 -2.04 -20.47
C ASP A 157 -8.10 -1.43 -21.60
N PHE A 158 -7.50 -0.50 -22.33
CA PHE A 158 -8.15 0.16 -23.47
C PHE A 158 -7.51 -0.28 -24.80
N GLY A 159 -7.23 -1.59 -24.89
CA GLY A 159 -6.59 -2.17 -26.07
C GLY A 159 -7.55 -2.37 -27.23
N LEU A 160 -8.81 -2.66 -26.92
CA LEU A 160 -9.87 -2.80 -27.92
C LEU A 160 -10.80 -1.57 -27.96
N SER A 161 -10.41 -0.47 -27.31
CA SER A 161 -11.26 0.71 -27.22
C SER A 161 -11.18 1.55 -28.48
N LYS A 162 -12.30 2.17 -28.84
CA LYS A 162 -12.42 2.96 -30.06
C LYS A 162 -13.13 4.28 -29.78
N ALA A 163 -12.58 5.37 -30.31
CA ALA A 163 -13.23 6.68 -30.25
C ALA A 163 -14.27 6.75 -31.37
N LEU A 164 -15.52 7.04 -31.03
CA LEU A 164 -16.59 7.10 -32.02
C LEU A 164 -16.54 8.40 -32.81
N ARG A 165 -16.89 8.32 -34.09
CA ARG A 165 -16.99 9.51 -34.94
C ARG A 165 -18.14 10.40 -34.49
N ALA A 166 -18.08 11.67 -34.87
CA ALA A 166 -19.07 12.67 -34.46
C ALA A 166 -20.46 12.47 -35.09
N ASP A 167 -20.55 11.71 -36.19
CA ASP A 167 -21.82 11.45 -36.88
C ASP A 167 -22.46 10.10 -36.53
N GLU A 168 -21.65 9.05 -36.46
CA GLU A 168 -22.14 7.71 -36.06
C GLU A 168 -22.23 7.60 -34.54
N ASN A 169 -22.77 6.48 -34.05
CA ASN A 169 -22.72 6.14 -32.62
C ASN A 169 -22.51 4.64 -32.36
N TYR A 170 -21.76 3.99 -33.24
CA TYR A 170 -21.27 2.63 -33.01
C TYR A 170 -19.99 2.40 -33.84
N TYR A 171 -19.15 1.49 -33.37
CA TYR A 171 -17.99 1.00 -34.10
C TYR A 171 -18.35 -0.35 -34.71
N LYS A 172 -17.84 -0.64 -35.91
CA LYS A 172 -18.12 -1.89 -36.60
C LYS A 172 -16.83 -2.63 -36.97
N ALA A 173 -16.72 -3.89 -36.51
CA ALA A 173 -15.52 -4.70 -36.72
C ALA A 173 -15.48 -5.26 -38.14
N LYS A 178 -11.30 -14.34 -31.26
CA LYS A 178 -10.59 -13.68 -30.17
C LYS A 178 -11.48 -12.60 -29.55
N TRP A 179 -12.63 -13.03 -29.03
CA TRP A 179 -13.58 -12.15 -28.35
C TRP A 179 -14.08 -12.78 -27.04
N PRO A 180 -14.26 -11.96 -25.99
CA PRO A 180 -14.96 -12.43 -24.80
C PRO A 180 -16.47 -12.42 -25.07
N VAL A 181 -16.95 -13.53 -25.64
CA VAL A 181 -18.36 -13.68 -26.04
C VAL A 181 -19.30 -13.58 -24.84
N LYS A 182 -18.84 -14.05 -23.68
CA LYS A 182 -19.62 -13.99 -22.44
C LYS A 182 -19.93 -12.57 -21.94
N TRP A 183 -19.08 -11.59 -22.30
CA TRP A 183 -19.30 -10.19 -21.94
C TRP A 183 -19.97 -9.36 -23.04
N TYR A 184 -20.26 -9.99 -24.18
CA TYR A 184 -20.69 -9.29 -25.39
C TYR A 184 -22.22 -9.35 -25.56
N ALA A 185 -22.77 -8.26 -26.10
CA ALA A 185 -24.20 -8.14 -26.34
C ALA A 185 -24.58 -8.86 -27.64
N PRO A 186 -25.89 -9.17 -27.84
CA PRO A 186 -26.33 -9.87 -29.06
C PRO A 186 -25.90 -9.19 -30.37
N GLU A 187 -26.07 -7.87 -30.45
CA GLU A 187 -25.68 -7.10 -31.65
C GLU A 187 -24.18 -7.15 -31.97
N CYS A 188 -23.34 -7.34 -30.95
CA CYS A 188 -21.90 -7.54 -31.15
C CYS A 188 -21.60 -8.90 -31.80
N ILE A 189 -22.35 -9.92 -31.41
CA ILE A 189 -22.20 -11.27 -31.95
C ILE A 189 -22.80 -11.35 -33.36
N ASN A 190 -24.03 -10.87 -33.49
CA ASN A 190 -24.76 -10.97 -34.76
C ASN A 190 -24.27 -9.96 -35.81
N TYR A 191 -24.29 -8.68 -35.45
CA TYR A 191 -24.03 -7.58 -36.39
C TYR A 191 -22.64 -6.94 -36.32
N TYR A 192 -21.81 -7.34 -35.35
CA TYR A 192 -20.45 -6.79 -35.16
C TYR A 192 -20.47 -5.30 -34.74
N LYS A 193 -21.58 -4.84 -34.16
CA LYS A 193 -21.79 -3.42 -33.87
C LYS A 193 -21.59 -3.10 -32.39
N PHE A 194 -20.58 -2.27 -32.09
CA PHE A 194 -20.19 -1.94 -30.73
C PHE A 194 -20.51 -0.49 -30.38
N SER A 195 -21.43 -0.30 -29.43
CA SER A 195 -21.79 1.02 -28.92
C SER A 195 -21.58 1.05 -27.41
N SER A 196 -21.88 2.19 -26.78
CA SER A 196 -21.88 2.29 -25.31
C SER A 196 -22.96 1.43 -24.66
N LYS A 197 -24.02 1.12 -25.40
CA LYS A 197 -25.04 0.17 -24.97
C LYS A 197 -24.49 -1.26 -24.89
N SER A 198 -23.58 -1.61 -25.81
CA SER A 198 -22.85 -2.87 -25.75
C SER A 198 -21.95 -2.99 -24.52
N ASP A 199 -21.39 -1.85 -24.09
CA ASP A 199 -20.65 -1.79 -22.83
C ASP A 199 -21.55 -1.89 -21.61
N VAL A 200 -22.78 -1.35 -21.70
CA VAL A 200 -23.79 -1.52 -20.64
C VAL A 200 -24.13 -3.01 -20.44
N TRP A 201 -24.24 -3.76 -21.54
CA TRP A 201 -24.42 -5.22 -21.45
C TRP A 201 -23.26 -5.85 -20.67
N SER A 202 -22.04 -5.46 -21.04
CA SER A 202 -20.82 -5.94 -20.38
C SER A 202 -20.77 -5.54 -18.89
N PHE A 203 -21.24 -4.34 -18.58
CA PHE A 203 -21.37 -3.87 -17.19
C PHE A 203 -22.34 -4.73 -16.38
N GLY A 204 -23.40 -5.22 -17.02
CA GLY A 204 -24.33 -6.18 -16.40
C GLY A 204 -23.65 -7.48 -16.02
N VAL A 205 -22.79 -7.99 -16.90
CA VAL A 205 -22.01 -9.20 -16.65
C VAL A 205 -20.95 -8.91 -15.58
N LEU A 206 -20.34 -7.72 -15.65
CA LEU A 206 -19.41 -7.23 -14.63
C LEU A 206 -20.05 -7.13 -13.24
N MET A 207 -21.31 -6.69 -13.19
CA MET A 207 -22.05 -6.62 -11.91
C MET A 207 -22.28 -8.00 -11.34
N TRP A 208 -22.76 -8.93 -12.17
CA TRP A 208 -22.96 -10.32 -11.76
C TRP A 208 -21.66 -10.94 -11.23
N GLU A 209 -20.55 -10.67 -11.93
CA GLU A 209 -19.21 -11.09 -11.48
C GLU A 209 -18.87 -10.58 -10.09
N ALA A 210 -19.12 -9.29 -9.86
CA ALA A 210 -18.80 -8.64 -8.59
C ALA A 210 -19.64 -9.19 -7.43
N PHE A 211 -20.94 -9.31 -7.63
CA PHE A 211 -21.84 -9.88 -6.61
C PHE A 211 -21.70 -11.41 -6.45
N SER A 212 -21.09 -12.08 -7.44
CA SER A 212 -20.70 -13.49 -7.32
C SER A 212 -19.28 -13.68 -6.74
N TYR A 213 -18.65 -12.60 -6.31
CA TYR A 213 -17.28 -12.60 -5.77
C TYR A 213 -16.27 -13.22 -6.73
N GLY A 214 -16.24 -12.67 -7.95
CA GLY A 214 -15.24 -13.03 -8.96
C GLY A 214 -15.40 -14.41 -9.57
N GLN A 215 -16.63 -14.91 -9.62
CA GLN A 215 -16.91 -16.21 -10.23
C GLN A 215 -17.10 -15.97 -11.73
N LYS A 216 -16.69 -16.95 -12.55
CA LYS A 216 -16.74 -16.79 -14.01
C LYS A 216 -18.19 -16.87 -14.52
N PRO A 217 -18.57 -15.98 -15.47
CA PRO A 217 -19.94 -16.02 -16.00
C PRO A 217 -20.18 -17.24 -16.90
N TYR A 218 -21.43 -17.66 -17.00
CA TYR A 218 -21.84 -18.81 -17.83
C TYR A 218 -20.85 -19.96 -17.67
N ARG A 219 -20.70 -20.45 -16.44
CA ARG A 219 -19.67 -21.43 -16.09
C ARG A 219 -19.79 -22.70 -16.92
N GLY A 220 -18.67 -23.13 -17.50
CA GLY A 220 -18.60 -24.35 -18.30
C GLY A 220 -19.24 -24.30 -19.68
N MET A 221 -19.69 -23.12 -20.11
CA MET A 221 -20.42 -22.97 -21.36
C MET A 221 -19.52 -22.38 -22.44
N LYS A 222 -19.77 -22.80 -23.67
CA LYS A 222 -19.03 -22.33 -24.84
C LYS A 222 -19.78 -21.12 -25.42
N GLY A 223 -19.07 -20.32 -26.22
CA GLY A 223 -19.64 -19.09 -26.79
C GLY A 223 -20.99 -19.26 -27.49
N SER A 224 -21.10 -20.30 -28.30
CA SER A 224 -22.35 -20.60 -29.03
C SER A 224 -23.47 -21.06 -28.10
N GLU A 225 -23.11 -21.77 -27.04
CA GLU A 225 -24.08 -22.18 -26.00
C GLU A 225 -24.58 -20.97 -25.20
N VAL A 226 -23.71 -19.99 -25.00
CA VAL A 226 -24.08 -18.72 -24.35
C VAL A 226 -24.97 -17.90 -25.27
N THR A 227 -24.58 -17.80 -26.55
CA THR A 227 -25.37 -17.13 -27.58
C THR A 227 -26.77 -17.77 -27.72
N ALA A 228 -26.80 -19.10 -27.67
CA ALA A 228 -28.06 -19.86 -27.76
C ALA A 228 -28.96 -19.63 -26.55
N MET A 229 -28.37 -19.64 -25.36
CA MET A 229 -29.08 -19.39 -24.10
C MET A 229 -29.77 -18.02 -24.09
N LEU A 230 -29.02 -16.98 -24.46
CA LEU A 230 -29.51 -15.59 -24.44
C LEU A 230 -30.61 -15.34 -25.47
N GLU A 231 -30.61 -16.09 -26.57
CA GLU A 231 -31.64 -15.97 -27.61
C GLU A 231 -33.01 -16.48 -27.17
N LYS A 232 -33.04 -17.44 -26.25
CA LYS A 232 -34.29 -17.94 -25.65
C LYS A 232 -34.85 -17.04 -24.53
N GLY A 233 -34.12 -16.00 -24.15
CA GLY A 233 -34.52 -15.10 -23.07
C GLY A 233 -34.02 -15.55 -21.70
N GLU A 234 -33.14 -16.55 -21.68
CA GLU A 234 -32.59 -17.07 -20.43
C GLU A 234 -31.38 -16.24 -20.02
N ARG A 235 -31.36 -15.79 -18.77
CA ARG A 235 -30.32 -14.93 -18.24
C ARG A 235 -29.75 -15.56 -16.97
N MET A 236 -28.55 -15.15 -16.59
CA MET A 236 -27.91 -15.66 -15.37
C MET A 236 -28.74 -15.29 -14.15
N GLY A 237 -28.85 -16.23 -13.21
CA GLY A 237 -29.66 -16.05 -12.01
C GLY A 237 -29.05 -15.10 -11.01
N CYS A 238 -29.86 -14.71 -10.03
CA CYS A 238 -29.41 -13.79 -8.97
C CYS A 238 -28.43 -14.50 -8.04
N PRO A 239 -27.17 -14.01 -7.95
CA PRO A 239 -26.18 -14.69 -7.11
C PRO A 239 -26.45 -14.49 -5.61
N ALA A 240 -25.91 -15.41 -4.80
CA ALA A 240 -26.21 -15.48 -3.37
C ALA A 240 -25.91 -14.18 -2.61
N GLY A 241 -26.91 -13.69 -1.87
CA GLY A 241 -26.77 -12.47 -1.08
C GLY A 241 -26.89 -11.15 -1.83
N CYS A 242 -27.11 -11.20 -3.15
CA CYS A 242 -27.19 -10.00 -3.98
C CYS A 242 -28.56 -9.34 -3.76
N PRO A 243 -28.59 -8.03 -3.45
CA PRO A 243 -29.87 -7.31 -3.34
C PRO A 243 -30.74 -7.43 -4.59
N ARG A 244 -32.05 -7.55 -4.39
CA ARG A 244 -32.99 -7.78 -5.50
C ARG A 244 -33.06 -6.60 -6.48
N GLU A 245 -32.83 -5.39 -5.98
CA GLU A 245 -32.84 -4.18 -6.83
C GLU A 245 -31.60 -4.13 -7.73
N MET A 246 -30.47 -4.64 -7.24
CA MET A 246 -29.26 -4.78 -8.05
C MET A 246 -29.39 -5.84 -9.15
N TYR A 247 -30.09 -6.92 -8.86
CA TYR A 247 -30.34 -7.97 -9.85
C TYR A 247 -31.26 -7.50 -10.99
N ASP A 248 -32.24 -6.66 -10.65
CA ASP A 248 -33.11 -6.03 -11.65
C ASP A 248 -32.28 -5.22 -12.64
N LEU A 249 -31.29 -4.48 -12.13
CA LEU A 249 -30.39 -3.67 -12.95
C LEU A 249 -29.56 -4.50 -13.92
N MET A 250 -29.15 -5.71 -13.49
CA MET A 250 -28.43 -6.65 -14.38
C MET A 250 -29.32 -7.05 -15.55
N ASN A 251 -30.52 -7.51 -15.24
CA ASN A 251 -31.51 -7.86 -16.28
C ASN A 251 -31.94 -6.68 -17.14
N LEU A 252 -31.92 -5.47 -16.56
CA LEU A 252 -32.14 -4.25 -17.32
C LEU A 252 -30.94 -3.95 -18.25
N CYS A 253 -29.73 -4.21 -17.77
CA CYS A 253 -28.52 -4.15 -18.59
C CYS A 253 -28.52 -5.24 -19.68
N TRP A 254 -29.14 -6.38 -19.40
CA TRP A 254 -29.31 -7.46 -20.38
C TRP A 254 -30.63 -7.36 -21.17
N THR A 255 -30.98 -6.16 -21.63
CA THR A 255 -32.07 -5.98 -22.57
C THR A 255 -31.56 -6.41 -23.94
N TYR A 256 -32.31 -7.29 -24.61
CA TYR A 256 -31.90 -7.84 -25.91
C TYR A 256 -31.83 -6.76 -26.98
N ASP A 257 -32.88 -5.95 -27.07
CA ASP A 257 -32.94 -4.88 -28.06
C ASP A 257 -31.99 -3.74 -27.66
N VAL A 258 -31.22 -3.25 -28.63
CA VAL A 258 -30.18 -2.25 -28.39
C VAL A 258 -30.79 -0.92 -27.99
N GLU A 259 -31.85 -0.53 -28.71
CA GLU A 259 -32.51 0.76 -28.50
C GLU A 259 -33.23 0.81 -27.16
N ASN A 260 -33.86 -0.29 -26.76
CA ASN A 260 -34.59 -0.37 -25.48
C ASN A 260 -33.66 -0.45 -24.26
N ARG A 261 -32.42 -0.88 -24.47
CA ARG A 261 -31.43 -1.00 -23.40
C ARG A 261 -30.98 0.39 -22.93
N PRO A 262 -30.80 0.59 -21.61
CA PRO A 262 -30.40 1.93 -21.14
C PRO A 262 -28.92 2.23 -21.38
N GLY A 263 -28.59 3.52 -21.42
CA GLY A 263 -27.21 3.99 -21.44
C GLY A 263 -26.71 4.18 -20.01
N PHE A 264 -25.41 4.41 -19.86
CA PHE A 264 -24.78 4.55 -18.54
C PHE A 264 -25.32 5.71 -17.70
N ALA A 265 -25.86 6.75 -18.34
CA ALA A 265 -26.56 7.82 -17.63
C ALA A 265 -27.65 7.24 -16.72
N ALA A 266 -28.48 6.36 -17.29
CA ALA A 266 -29.54 5.67 -16.54
C ALA A 266 -29.00 4.65 -15.53
N VAL A 267 -27.96 3.90 -15.93
CA VAL A 267 -27.36 2.88 -15.07
C VAL A 267 -26.68 3.52 -13.85
N GLU A 268 -25.93 4.60 -14.09
CA GLU A 268 -25.30 5.37 -13.01
C GLU A 268 -26.34 5.98 -12.08
N LEU A 269 -27.43 6.50 -12.65
CA LEU A 269 -28.47 7.17 -11.86
C LEU A 269 -29.22 6.23 -10.91
N ARG A 270 -29.48 5.00 -11.37
CA ARG A 270 -30.08 3.96 -10.50
C ARG A 270 -29.11 3.48 -9.41
N LEU A 271 -27.84 3.29 -9.78
CA LEU A 271 -26.81 2.89 -8.81
C LEU A 271 -26.51 3.98 -7.77
N ARG A 272 -26.52 5.23 -8.23
CA ARG A 272 -26.35 6.39 -7.36
C ARG A 272 -27.45 6.41 -6.30
N ASN A 273 -28.70 6.45 -6.76
CA ASN A 273 -29.87 6.57 -5.88
C ASN A 273 -29.97 5.43 -4.87
N TYR A 274 -29.77 4.20 -5.34
CA TYR A 274 -29.82 3.02 -4.48
C TYR A 274 -28.69 2.99 -3.44
N TYR A 275 -27.53 3.48 -3.81
CA TYR A 275 -26.39 3.48 -2.93
C TYR A 275 -26.60 4.32 -1.74
N TYR A 276 -27.26 5.45 -1.92
CA TYR A 276 -27.38 6.40 -0.85
C TYR A 276 -28.60 6.19 0.00
N ASP A 277 -29.43 5.24 -0.40
CA ASP A 277 -30.47 4.67 0.47
C ASP A 277 -29.97 3.51 1.33
N VAL A 278 -28.73 3.08 1.12
CA VAL A 278 -28.06 2.06 1.96
C VAL A 278 -27.18 2.74 3.02
N VAL A 279 -26.39 3.74 2.61
CA VAL A 279 -25.51 4.47 3.54
C VAL A 279 -26.28 5.42 4.47
N ASN A 280 -27.53 5.77 4.11
CA ASN A 280 -28.41 6.61 4.93
C ASN A 280 -29.32 5.77 5.82
N VAL B 8 15.58 -7.69 38.34
CA VAL B 8 14.39 -6.99 37.78
C VAL B 8 13.67 -6.11 38.83
N TYR B 9 13.73 -6.49 40.11
CA TYR B 9 13.28 -5.60 41.20
C TYR B 9 14.48 -5.02 41.95
N LEU B 10 14.77 -3.74 41.68
CA LEU B 10 16.01 -3.10 42.12
C LEU B 10 15.87 -2.39 43.46
N ASP B 11 17.00 -2.20 44.13
CA ASP B 11 17.09 -1.53 45.42
C ASP B 11 17.33 -0.03 45.18
N ARG B 12 16.62 0.82 45.94
CA ARG B 12 16.70 2.27 45.73
C ARG B 12 18.03 2.84 46.24
N LYS B 13 18.48 2.39 47.43
CA LYS B 13 19.73 2.88 48.00
C LYS B 13 20.94 2.67 47.08
N LEU B 14 20.92 1.62 46.26
CA LEU B 14 21.95 1.38 45.25
C LEU B 14 21.90 2.38 44.07
N LEU B 15 20.74 2.97 43.82
CA LEU B 15 20.58 3.95 42.72
C LEU B 15 20.89 5.38 43.17
N THR B 16 21.66 6.09 42.34
CA THR B 16 21.92 7.52 42.52
C THR B 16 21.57 8.25 41.23
N LEU B 17 20.54 9.09 41.28
CA LEU B 17 20.07 9.83 40.10
C LEU B 17 20.61 11.25 40.07
N GLU B 18 20.95 11.72 38.87
CA GLU B 18 21.18 13.15 38.64
C GLU B 18 19.85 13.89 38.67
N ASP B 19 19.90 15.21 38.84
CA ASP B 19 18.69 16.05 38.90
C ASP B 19 18.34 16.77 37.60
N LYS B 20 19.15 16.59 36.55
CA LYS B 20 18.81 17.11 35.22
C LYS B 20 18.05 16.08 34.39
N GLU B 21 17.27 16.56 33.43
CA GLU B 21 16.46 15.71 32.55
C GLU B 21 17.17 15.43 31.24
N LEU B 22 16.98 14.22 30.71
CA LEU B 22 17.33 13.91 29.33
C LEU B 22 16.13 14.13 28.39
N GLY B 23 14.93 13.85 28.90
CA GLY B 23 13.68 14.12 28.15
C GLY B 23 12.47 14.17 29.05
N SER B 24 11.35 14.62 28.50
CA SER B 24 10.09 14.78 29.25
C SER B 24 8.86 14.41 28.41
N GLY B 25 7.97 13.65 29.01
CA GLY B 25 6.64 13.37 28.45
C GLY B 25 5.60 13.34 29.55
N ASN B 26 4.38 12.91 29.20
CA ASN B 26 3.28 12.79 30.18
C ASN B 26 3.56 11.80 31.31
N PHE B 27 4.30 10.73 30.99
CA PHE B 27 4.81 9.79 32.01
C PHE B 27 5.56 10.48 33.14
N GLY B 28 6.41 11.45 32.81
CA GLY B 28 7.19 12.19 33.78
C GLY B 28 8.48 12.73 33.20
N THR B 29 9.59 12.09 33.58
CA THR B 29 10.91 12.47 33.08
C THR B 29 11.77 11.25 32.87
N VAL B 30 12.86 11.47 32.13
CA VAL B 30 13.94 10.51 32.06
C VAL B 30 15.23 11.21 32.49
N LYS B 31 15.97 10.55 33.37
CA LYS B 31 17.20 11.14 33.94
C LYS B 31 18.36 10.14 33.90
N LYS B 32 19.56 10.66 33.77
CA LYS B 32 20.79 9.87 33.87
C LYS B 32 21.06 9.55 35.34
N GLY B 33 21.64 8.37 35.59
CA GLY B 33 21.90 7.92 36.96
C GLY B 33 22.92 6.79 37.02
N TYR B 34 23.21 6.35 38.24
CA TYR B 34 24.23 5.35 38.51
C TYR B 34 23.67 4.29 39.47
N TYR B 35 23.66 3.04 39.02
CA TYR B 35 23.25 1.91 39.87
C TYR B 35 24.47 1.18 40.40
N GLN B 36 24.61 1.14 41.73
CA GLN B 36 25.66 0.36 42.40
C GLN B 36 25.48 -1.13 42.10
N MET B 37 26.22 -1.62 41.12
CA MET B 37 26.33 -3.06 40.86
C MET B 37 27.27 -3.67 41.90
N LYS B 38 27.40 -4.99 41.88
CA LYS B 38 28.12 -5.74 42.93
C LYS B 38 29.50 -5.16 43.25
N LYS B 39 30.33 -5.01 42.22
CA LYS B 39 31.68 -4.43 42.36
C LYS B 39 31.78 -3.07 41.66
N VAL B 40 31.37 -3.02 40.40
CA VAL B 40 31.40 -1.79 39.60
C VAL B 40 30.15 -0.93 39.83
N VAL B 41 30.13 0.25 39.19
CA VAL B 41 28.96 1.13 39.17
C VAL B 41 28.57 1.33 37.70
N LYS B 42 27.34 0.93 37.35
CA LYS B 42 26.84 1.04 35.99
C LYS B 42 26.04 2.32 35.78
N THR B 43 26.24 2.96 34.63
CA THR B 43 25.52 4.17 34.25
C THR B 43 24.20 3.77 33.60
N VAL B 44 23.12 4.42 34.02
CA VAL B 44 21.76 4.03 33.61
C VAL B 44 20.88 5.22 33.27
N ALA B 45 19.96 5.01 32.34
CA ALA B 45 18.87 5.94 32.06
C ALA B 45 17.63 5.43 32.75
N VAL B 46 16.91 6.31 33.45
CA VAL B 46 15.77 5.92 34.27
C VAL B 46 14.52 6.73 33.91
N LYS B 47 13.52 6.05 33.35
CA LYS B 47 12.19 6.63 33.09
C LYS B 47 11.40 6.68 34.39
N ILE B 48 10.93 7.86 34.78
CA ILE B 48 10.29 8.10 36.09
C ILE B 48 8.83 8.53 35.91
N LEU B 49 7.97 8.17 36.86
CA LEU B 49 6.50 8.36 36.74
C LEU B 49 5.99 9.63 37.46
N LYS B 50 4.76 10.03 37.13
CA LYS B 50 4.09 11.20 37.72
C LYS B 50 2.66 10.85 38.22
N ASN B 51 2.56 9.78 39.02
CA ASN B 51 1.28 9.28 39.57
C ASN B 51 0.04 9.48 38.67
N PRO B 56 -3.46 8.39 36.74
CA PRO B 56 -4.53 7.46 37.12
C PRO B 56 -4.41 6.13 36.36
N ALA B 57 -3.69 5.18 36.97
CA ALA B 57 -3.42 3.86 36.38
C ALA B 57 -2.63 3.88 35.06
N LEU B 58 -1.82 4.93 34.85
CA LEU B 58 -0.84 4.98 33.76
C LEU B 58 0.45 4.26 34.18
N LYS B 59 0.55 3.92 35.46
CA LYS B 59 1.50 2.92 35.98
C LYS B 59 1.48 1.61 35.17
N ASP B 60 0.28 1.14 34.85
CA ASP B 60 0.10 -0.12 34.10
C ASP B 60 0.73 -0.08 32.70
N GLU B 61 0.73 1.10 32.08
CA GLU B 61 1.42 1.31 30.79
C GLU B 61 2.94 1.17 30.93
N LEU B 62 3.48 1.67 32.00
CA LEU B 62 4.87 1.51 32.29
C LEU B 62 5.27 0.09 32.60
N LEU B 63 4.52 -0.56 33.45
CA LEU B 63 4.75 -1.98 33.77
C LEU B 63 4.64 -2.88 32.54
N ALA B 64 3.74 -2.54 31.62
CA ALA B 64 3.62 -3.23 30.34
C ALA B 64 4.90 -3.07 29.50
N GLU B 65 5.38 -1.84 29.39
CA GLU B 65 6.65 -1.53 28.70
C GLU B 65 7.82 -2.30 29.32
N ALA B 66 7.89 -2.31 30.65
CA ALA B 66 8.91 -3.05 31.39
C ALA B 66 8.82 -4.56 31.16
N ASN B 67 7.59 -5.07 31.10
CA ASN B 67 7.35 -6.49 30.85
C ASN B 67 7.77 -6.92 29.43
N VAL B 68 7.62 -6.02 28.47
CA VAL B 68 8.09 -6.26 27.09
C VAL B 68 9.61 -6.30 27.03
N MET B 69 10.26 -5.32 27.67
CA MET B 69 11.74 -5.22 27.68
C MET B 69 12.42 -6.37 28.43
N GLN B 70 11.74 -6.89 29.46
CA GLN B 70 12.22 -8.04 30.23
C GLN B 70 12.50 -9.27 29.36
N GLN B 71 11.58 -9.55 28.44
CA GLN B 71 11.69 -10.70 27.54
C GLN B 71 12.76 -10.51 26.47
N LEU B 72 12.96 -9.26 26.04
CA LEU B 72 13.93 -8.95 24.98
C LEU B 72 15.38 -9.05 25.45
N ASP B 73 16.22 -9.58 24.58
CA ASP B 73 17.63 -9.85 24.85
C ASP B 73 18.40 -9.84 23.53
N ASN B 74 18.85 -8.65 23.14
CA ASN B 74 19.53 -8.42 21.87
C ASN B 74 20.62 -7.35 22.00
N PRO B 75 21.74 -7.49 21.26
CA PRO B 75 22.76 -6.44 21.27
C PRO B 75 22.29 -5.06 20.77
N TYR B 76 21.36 -5.05 19.82
CA TYR B 76 20.88 -3.81 19.19
C TYR B 76 19.50 -3.36 19.70
N ILE B 77 19.18 -3.70 20.96
CA ILE B 77 17.98 -3.23 21.65
C ILE B 77 18.40 -2.79 23.06
N VAL B 78 17.78 -1.72 23.54
CA VAL B 78 18.08 -1.17 24.87
C VAL B 78 17.67 -2.19 25.94
N ARG B 79 18.64 -2.60 26.77
CA ARG B 79 18.38 -3.56 27.85
C ARG B 79 17.79 -2.88 29.07
N MET B 80 16.77 -3.52 29.65
CA MET B 80 16.25 -3.14 30.95
C MET B 80 17.15 -3.78 32.00
N ILE B 81 17.57 -3.00 32.99
CA ILE B 81 18.23 -3.53 34.19
C ILE B 81 17.13 -3.97 35.15
N GLY B 82 16.18 -3.09 35.43
CA GLY B 82 15.04 -3.45 36.27
C GLY B 82 14.06 -2.33 36.61
N ILE B 83 13.20 -2.65 37.58
CA ILE B 83 12.13 -1.77 38.08
C ILE B 83 12.50 -1.34 39.50
N CYS B 84 12.10 -0.14 39.89
CA CYS B 84 12.37 0.39 41.24
C CYS B 84 11.16 1.15 41.80
N GLU B 85 10.52 0.57 42.81
CA GLU B 85 9.38 1.18 43.51
C GLU B 85 9.86 2.03 44.69
N ALA B 86 9.89 3.35 44.51
CA ALA B 86 10.27 4.29 45.58
C ALA B 86 10.06 5.73 45.13
N GLU B 87 9.30 6.50 45.92
CA GLU B 87 8.81 7.86 45.56
C GLU B 87 7.86 7.89 44.33
N SER B 88 8.06 6.98 43.39
CA SER B 88 7.45 6.99 42.06
C SER B 88 8.01 5.76 41.32
N TRP B 89 7.25 5.23 40.36
CA TRP B 89 7.70 4.05 39.60
C TRP B 89 8.80 4.44 38.61
N MET B 90 9.80 3.56 38.49
CA MET B 90 11.01 3.84 37.72
C MET B 90 11.40 2.64 36.87
N LEU B 91 11.55 2.85 35.57
CA LEU B 91 12.06 1.82 34.66
C LEU B 91 13.53 2.11 34.36
N VAL B 92 14.42 1.25 34.87
CA VAL B 92 15.87 1.44 34.79
C VAL B 92 16.47 0.66 33.61
N MET B 93 17.18 1.37 32.74
CA MET B 93 17.76 0.80 31.51
C MET B 93 19.23 1.20 31.39
N GLU B 94 19.98 0.44 30.58
CA GLU B 94 21.39 0.80 30.29
C GLU B 94 21.44 2.07 29.43
N MET B 95 22.52 2.84 29.58
CA MET B 95 22.65 4.18 29.00
C MET B 95 23.30 4.13 27.61
N ALA B 96 22.59 4.67 26.61
CA ALA B 96 23.15 4.93 25.28
C ALA B 96 23.60 6.39 25.22
N GLU B 97 24.89 6.62 25.51
CA GLU B 97 25.42 7.96 25.83
C GLU B 97 25.28 9.07 24.77
N LEU B 98 25.16 8.71 23.49
CA LEU B 98 25.09 9.70 22.39
C LEU B 98 23.67 10.18 22.07
N GLY B 99 22.65 9.40 22.44
CA GLY B 99 21.25 9.83 22.31
C GLY B 99 20.62 9.55 20.96
N PRO B 100 19.42 10.15 20.71
CA PRO B 100 18.63 9.94 19.49
C PRO B 100 19.44 10.05 18.19
N LEU B 101 19.14 9.16 17.24
CA LEU B 101 19.85 9.09 15.97
C LEU B 101 19.61 10.33 15.11
N ASN B 102 18.35 10.77 15.05
CA ASN B 102 17.99 11.97 14.28
C ASN B 102 18.75 13.23 14.73
N LYS B 103 18.76 13.51 16.04
CA LYS B 103 19.40 14.72 16.56
C LYS B 103 20.93 14.63 16.54
N TYR B 104 21.47 13.41 16.57
CA TYR B 104 22.90 13.20 16.38
C TYR B 104 23.30 13.58 14.96
N LEU B 105 22.62 12.98 13.97
CA LEU B 105 22.92 13.24 12.56
C LEU B 105 22.63 14.67 12.11
N GLN B 106 21.70 15.35 12.76
CA GLN B 106 21.50 16.80 12.58
C GLN B 106 22.78 17.58 12.90
N GLN B 107 23.42 17.22 14.01
CA GLN B 107 24.61 17.91 14.52
C GLN B 107 25.94 17.27 14.05
N ASN B 108 25.87 16.26 13.18
CA ASN B 108 27.05 15.55 12.68
C ASN B 108 26.93 15.27 11.18
N ARG B 109 27.05 16.33 10.38
CA ARG B 109 26.87 16.26 8.94
C ARG B 109 28.03 15.57 8.22
N HIS B 110 29.20 15.55 8.86
CA HIS B 110 30.37 14.81 8.35
C HIS B 110 30.23 13.28 8.35
N VAL B 111 29.23 12.74 9.07
CA VAL B 111 29.00 11.29 9.14
C VAL B 111 28.83 10.73 7.72
N LYS B 112 29.75 9.85 7.33
CA LYS B 112 29.78 9.31 5.97
C LYS B 112 28.65 8.32 5.71
N ASP B 113 28.32 8.14 4.43
CA ASP B 113 27.21 7.27 4.03
C ASP B 113 27.40 5.79 4.42
N LYS B 114 28.65 5.31 4.37
CA LYS B 114 28.97 3.96 4.87
C LYS B 114 28.63 3.77 6.36
N ASN B 115 28.82 4.82 7.15
CA ASN B 115 28.49 4.82 8.59
C ASN B 115 26.98 4.79 8.85
N ILE B 116 26.20 5.44 7.98
CA ILE B 116 24.73 5.43 8.09
C ILE B 116 24.17 4.06 7.71
N ILE B 117 24.79 3.40 6.73
CA ILE B 117 24.40 2.03 6.32
C ILE B 117 24.69 1.03 7.45
N GLU B 118 25.79 1.25 8.17
CA GLU B 118 26.13 0.46 9.36
C GLU B 118 25.06 0.60 10.45
N LEU B 119 24.67 1.83 10.77
CA LEU B 119 23.73 2.10 11.86
C LEU B 119 22.30 1.61 11.57
N VAL B 120 21.80 1.81 10.35
CA VAL B 120 20.48 1.30 9.98
C VAL B 120 20.44 -0.22 9.86
N HIS B 121 21.55 -0.84 9.42
CA HIS B 121 21.66 -2.30 9.40
C HIS B 121 21.58 -2.88 10.81
N GLN B 122 22.23 -2.23 11.77
CA GLN B 122 22.12 -2.61 13.19
C GLN B 122 20.68 -2.56 13.70
N VAL B 123 19.91 -1.57 13.25
CA VAL B 123 18.49 -1.47 13.57
C VAL B 123 17.71 -2.63 12.93
N SER B 124 18.01 -2.93 11.66
CA SER B 124 17.34 -4.04 10.95
C SER B 124 17.57 -5.40 11.61
N MET B 125 18.78 -5.63 12.11
CA MET B 125 19.10 -6.83 12.90
C MET B 125 18.35 -6.87 14.22
N GLY B 126 18.24 -5.72 14.89
CA GLY B 126 17.43 -5.59 16.10
C GLY B 126 15.96 -5.86 15.86
N MET B 127 15.45 -5.41 14.72
CA MET B 127 14.07 -5.68 14.30
C MET B 127 13.87 -7.11 13.77
N LYS B 128 14.92 -7.70 13.20
CA LYS B 128 14.91 -9.12 12.80
C LYS B 128 14.70 -10.02 14.02
N TYR B 129 15.41 -9.72 15.10
CA TYR B 129 15.21 -10.39 16.39
C TYR B 129 13.80 -10.16 16.94
N LEU B 130 13.36 -8.90 16.86
CA LEU B 130 12.02 -8.51 17.31
C LEU B 130 10.92 -9.23 16.51
N GLU B 131 11.18 -9.46 15.22
CA GLU B 131 10.28 -10.23 14.35
C GLU B 131 10.26 -11.71 14.74
N GLU B 132 11.45 -12.30 14.90
CA GLU B 132 11.59 -13.69 15.34
C GLU B 132 10.93 -13.97 16.70
N SER B 133 10.95 -12.97 17.58
CA SER B 133 10.32 -13.08 18.91
C SER B 133 8.82 -12.75 18.94
N ASN B 134 8.23 -12.46 17.78
CA ASN B 134 6.80 -12.10 17.66
C ASN B 134 6.41 -10.87 18.50
N PHE B 135 7.17 -9.80 18.30
CA PHE B 135 6.92 -8.52 18.94
C PHE B 135 6.80 -7.43 17.88
N VAL B 136 5.74 -6.63 17.97
CA VAL B 136 5.56 -5.46 17.11
C VAL B 136 5.97 -4.24 17.92
N HIS B 137 6.84 -3.41 17.34
CA HIS B 137 7.32 -2.18 17.99
C HIS B 137 6.25 -1.08 17.96
N ARG B 138 5.82 -0.78 16.77
CA ARG B 138 4.76 0.16 16.52
C ARG B 138 5.12 1.62 16.65
N ASP B 139 6.38 1.92 16.76
CA ASP B 139 6.82 3.26 16.92
C ASP B 139 8.26 3.36 16.44
N LEU B 140 8.57 2.76 15.33
CA LEU B 140 9.92 2.75 14.92
C LEU B 140 10.28 3.95 14.12
N ALA B 141 11.01 4.84 14.77
CA ALA B 141 11.45 6.11 14.16
C ALA B 141 12.90 6.38 14.52
N ALA B 142 13.48 7.39 13.86
CA ALA B 142 14.86 7.82 14.13
C ALA B 142 15.02 8.39 15.54
N ARG B 143 14.00 9.09 16.02
CA ARG B 143 13.94 9.55 17.42
C ARG B 143 14.05 8.42 18.46
N ASN B 144 13.55 7.23 18.12
CA ASN B 144 13.56 6.06 19.00
C ASN B 144 14.73 5.08 18.75
N VAL B 145 15.75 5.50 18.00
CA VAL B 145 17.01 4.78 17.89
C VAL B 145 18.09 5.60 18.59
N LEU B 146 18.78 4.97 19.54
CA LEU B 146 19.77 5.64 20.37
C LEU B 146 21.16 5.09 20.09
N LEU B 147 22.16 5.96 20.16
CA LEU B 147 23.55 5.61 19.84
C LEU B 147 24.38 5.45 21.12
N VAL B 148 25.10 4.33 21.21
CA VAL B 148 26.07 4.11 22.28
C VAL B 148 27.40 4.71 21.82
N THR B 149 27.84 4.30 20.63
CA THR B 149 28.95 4.92 19.92
C THR B 149 28.45 5.40 18.56
N GLN B 150 29.33 6.06 17.81
CA GLN B 150 29.03 6.45 16.43
C GLN B 150 28.79 5.23 15.52
N HIS B 151 29.32 4.07 15.91
CA HIS B 151 29.15 2.82 15.16
C HIS B 151 28.37 1.74 15.95
N TYR B 152 27.40 2.16 16.76
CA TYR B 152 26.61 1.20 17.56
C TYR B 152 25.27 1.80 18.02
N ALA B 153 24.19 1.35 17.38
CA ALA B 153 22.83 1.84 17.63
C ALA B 153 22.00 0.82 18.40
N LYS B 154 20.97 1.30 19.09
CA LYS B 154 20.02 0.47 19.82
C LYS B 154 18.60 1.02 19.66
N ILE B 155 17.62 0.13 19.55
CA ILE B 155 16.21 0.51 19.49
C ILE B 155 15.68 0.76 20.91
N SER B 156 14.92 1.84 21.06
CA SER B 156 14.34 2.23 22.35
C SER B 156 12.82 2.41 22.25
N ASP B 157 12.20 2.70 23.40
CA ASP B 157 10.76 3.00 23.50
C ASP B 157 9.83 1.85 23.11
N PHE B 158 9.48 1.01 24.09
CA PHE B 158 8.56 -0.11 23.88
C PHE B 158 7.25 0.10 24.62
N GLY B 159 6.77 1.35 24.64
CA GLY B 159 5.49 1.69 25.28
C GLY B 159 4.30 1.23 24.46
N LEU B 160 4.35 1.50 23.16
CA LEU B 160 3.32 1.06 22.21
C LEU B 160 3.50 -0.37 21.71
N SER B 161 4.60 -1.04 22.12
CA SER B 161 4.87 -2.40 21.67
C SER B 161 3.90 -3.43 22.26
N LYS B 162 3.65 -4.49 21.48
CA LYS B 162 2.69 -5.54 21.83
C LYS B 162 3.27 -6.90 21.46
N ALA B 163 3.23 -7.84 22.41
CA ALA B 163 3.60 -9.23 22.14
C ALA B 163 2.47 -9.90 21.37
N LEU B 164 2.79 -10.47 20.21
CA LEU B 164 1.78 -11.14 19.37
C LEU B 164 1.38 -12.48 19.96
N ARG B 165 0.11 -12.84 19.78
CA ARG B 165 -0.38 -14.17 20.16
C ARG B 165 0.23 -15.21 19.24
N ALA B 166 0.31 -16.45 19.74
CA ALA B 166 0.88 -17.57 18.99
C ALA B 166 0.07 -17.98 17.74
N ASP B 167 -1.23 -17.65 17.74
CA ASP B 167 -2.13 -18.00 16.63
C ASP B 167 -2.52 -16.78 15.77
N GLU B 168 -1.61 -15.82 15.61
CA GLU B 168 -1.82 -14.66 14.75
C GLU B 168 -0.50 -14.00 14.36
N ASN B 169 -0.60 -12.97 13.52
CA ASN B 169 0.56 -12.16 13.13
C ASN B 169 0.22 -10.67 12.96
N TYR B 170 -0.73 -10.17 13.75
CA TYR B 170 -1.01 -8.74 13.83
C TYR B 170 -1.75 -8.39 15.13
N TYR B 171 -1.43 -7.21 15.67
CA TYR B 171 -2.20 -6.61 16.76
C TYR B 171 -3.21 -5.65 16.15
N LYS B 172 -4.41 -5.60 16.72
CA LYS B 172 -5.47 -4.72 16.21
C LYS B 172 -5.88 -3.69 17.26
N ALA B 173 -5.97 -2.43 16.82
CA ALA B 173 -6.39 -1.32 17.69
C ALA B 173 -7.87 -1.04 17.52
N LYS B 178 -3.31 10.40 18.90
CA LYS B 178 -2.06 10.02 19.56
C LYS B 178 -1.31 8.97 18.73
N TRP B 179 -1.18 9.24 17.42
CA TRP B 179 -0.50 8.33 16.50
C TRP B 179 0.48 9.09 15.59
N PRO B 180 1.71 8.58 15.44
CA PRO B 180 2.62 9.12 14.41
C PRO B 180 2.26 8.55 13.04
N VAL B 181 1.40 9.27 12.33
CA VAL B 181 0.83 8.82 11.05
C VAL B 181 1.91 8.74 9.95
N LYS B 182 2.93 9.59 10.05
CA LYS B 182 4.02 9.63 9.06
C LYS B 182 4.91 8.38 9.01
N TRP B 183 4.95 7.62 10.11
CA TRP B 183 5.70 6.36 10.18
C TRP B 183 4.80 5.13 9.98
N TYR B 184 3.49 5.32 9.95
CA TYR B 184 2.52 4.21 9.90
C TYR B 184 2.21 3.78 8.47
N ALA B 185 2.03 2.47 8.30
CA ALA B 185 1.72 1.87 6.99
C ALA B 185 0.24 2.08 6.67
N PRO B 186 -0.17 1.93 5.39
CA PRO B 186 -1.56 2.15 4.99
C PRO B 186 -2.60 1.36 5.81
N GLU B 187 -2.38 0.06 5.98
CA GLU B 187 -3.28 -0.80 6.76
C GLU B 187 -3.38 -0.44 8.25
N CYS B 188 -2.33 0.16 8.81
CA CYS B 188 -2.39 0.68 10.18
C CYS B 188 -3.40 1.80 10.33
N ILE B 189 -3.48 2.66 9.32
CA ILE B 189 -4.41 3.80 9.32
C ILE B 189 -5.80 3.37 8.86
N ASN B 190 -5.84 2.61 7.77
CA ASN B 190 -7.10 2.17 7.17
C ASN B 190 -7.81 1.08 7.97
N TYR B 191 -7.05 0.08 8.43
CA TYR B 191 -7.61 -1.11 9.11
C TYR B 191 -7.20 -1.32 10.57
N TYR B 192 -6.38 -0.43 11.13
CA TYR B 192 -5.94 -0.51 12.55
C TYR B 192 -5.08 -1.77 12.86
N LYS B 193 -4.47 -2.37 11.84
CA LYS B 193 -3.77 -3.66 11.97
C LYS B 193 -2.26 -3.47 11.92
N PHE B 194 -1.59 -3.83 13.02
CA PHE B 194 -0.14 -3.65 13.17
C PHE B 194 0.60 -5.00 13.22
N SER B 195 1.40 -5.27 12.19
CA SER B 195 2.23 -6.47 12.11
C SER B 195 3.71 -6.07 12.06
N SER B 196 4.60 -7.06 11.96
CA SER B 196 6.03 -6.79 11.72
C SER B 196 6.28 -6.11 10.37
N LYS B 197 5.39 -6.33 9.40
CA LYS B 197 5.43 -5.64 8.10
C LYS B 197 5.12 -4.14 8.25
N SER B 198 4.26 -3.80 9.20
CA SER B 198 4.02 -2.40 9.56
C SER B 198 5.25 -1.71 10.11
N ASP B 199 6.04 -2.44 10.89
CA ASP B 199 7.33 -1.95 11.39
C ASP B 199 8.36 -1.79 10.27
N VAL B 200 8.31 -2.66 9.25
CA VAL B 200 9.14 -2.54 8.05
C VAL B 200 8.86 -1.23 7.31
N TRP B 201 7.58 -0.86 7.17
CA TRP B 201 7.20 0.43 6.60
C TRP B 201 7.85 1.57 7.39
N SER B 202 7.76 1.48 8.71
CA SER B 202 8.34 2.50 9.61
C SER B 202 9.86 2.55 9.51
N PHE B 203 10.50 1.39 9.32
CA PHE B 203 11.94 1.30 9.08
C PHE B 203 12.37 2.03 7.80
N GLY B 204 11.53 1.96 6.76
CA GLY B 204 11.74 2.72 5.53
C GLY B 204 11.77 4.22 5.75
N VAL B 205 10.88 4.71 6.62
CA VAL B 205 10.84 6.13 6.98
C VAL B 205 12.03 6.48 7.88
N LEU B 206 12.42 5.54 8.75
CA LEU B 206 13.64 5.66 9.56
C LEU B 206 14.90 5.73 8.69
N MET B 207 14.95 4.92 7.63
CA MET B 207 16.07 4.96 6.68
C MET B 207 16.14 6.31 5.96
N TRP B 208 14.99 6.77 5.45
CA TRP B 208 14.91 8.10 4.84
C TRP B 208 15.38 9.19 5.80
N GLU B 209 14.90 9.14 7.04
CA GLU B 209 15.33 10.04 8.11
C GLU B 209 16.84 10.02 8.30
N ALA B 210 17.42 8.83 8.36
CA ALA B 210 18.85 8.63 8.60
C ALA B 210 19.70 9.23 7.48
N PHE B 211 19.38 8.87 6.23
CA PHE B 211 20.11 9.41 5.07
C PHE B 211 19.81 10.89 4.78
N SER B 212 18.70 11.42 5.32
CA SER B 212 18.42 12.86 5.31
C SER B 212 19.07 13.63 6.48
N TYR B 213 19.85 12.93 7.31
CA TYR B 213 20.51 13.51 8.48
C TYR B 213 19.53 14.13 9.47
N GLY B 214 18.52 13.35 9.83
CA GLY B 214 17.57 13.73 10.88
C GLY B 214 16.52 14.76 10.52
N GLN B 215 16.23 14.92 9.22
CA GLN B 215 15.14 15.80 8.78
C GLN B 215 13.80 15.10 8.99
N LYS B 216 12.76 15.88 9.21
CA LYS B 216 11.41 15.34 9.43
C LYS B 216 10.81 14.85 8.10
N PRO B 217 10.17 13.66 8.10
CA PRO B 217 9.54 13.17 6.88
C PRO B 217 8.23 13.90 6.58
N TYR B 218 7.85 13.93 5.31
CA TYR B 218 6.63 14.59 4.84
C TYR B 218 6.50 15.99 5.44
N ARG B 219 7.53 16.81 5.20
CA ARG B 219 7.70 18.10 5.85
C ARG B 219 6.52 19.05 5.60
N GLY B 220 5.96 19.58 6.68
CA GLY B 220 4.87 20.55 6.61
C GLY B 220 3.51 20.00 6.21
N MET B 221 3.33 18.68 6.31
CA MET B 221 2.09 18.02 5.88
C MET B 221 1.31 17.46 7.07
N LYS B 222 -0.01 17.59 7.01
CA LYS B 222 -0.92 16.93 7.95
C LYS B 222 -0.99 15.44 7.63
N GLY B 223 -1.49 14.65 8.58
CA GLY B 223 -1.60 13.20 8.43
C GLY B 223 -2.47 12.74 7.27
N SER B 224 -3.61 13.40 7.07
CA SER B 224 -4.52 13.10 5.96
C SER B 224 -3.91 13.38 4.58
N GLU B 225 -3.04 14.39 4.52
CA GLU B 225 -2.33 14.73 3.29
C GLU B 225 -1.23 13.72 2.97
N VAL B 226 -0.61 13.15 4.02
CA VAL B 226 0.36 12.06 3.87
C VAL B 226 -0.36 10.79 3.43
N THR B 227 -1.49 10.49 4.06
CA THR B 227 -2.36 9.38 3.65
C THR B 227 -2.82 9.51 2.19
N ALA B 228 -3.19 10.74 1.81
CA ALA B 228 -3.63 11.04 0.45
C ALA B 228 -2.49 10.91 -0.58
N MET B 229 -1.29 11.35 -0.20
CA MET B 229 -0.10 11.22 -1.05
C MET B 229 0.23 9.75 -1.33
N LEU B 230 0.29 8.95 -0.27
CA LEU B 230 0.66 7.54 -0.38
C LEU B 230 -0.36 6.69 -1.13
N GLU B 231 -1.63 7.11 -1.10
CA GLU B 231 -2.69 6.43 -1.84
C GLU B 231 -2.54 6.57 -3.36
N LYS B 232 -1.98 7.71 -3.80
CA LYS B 232 -1.70 7.96 -5.22
C LYS B 232 -0.46 7.23 -5.76
N GLY B 233 0.32 6.62 -4.87
CA GLY B 233 1.56 5.96 -5.24
C GLY B 233 2.78 6.85 -5.12
N GLU B 234 2.59 8.07 -4.60
CA GLU B 234 3.69 9.03 -4.44
C GLU B 234 4.44 8.72 -3.15
N ARG B 235 5.77 8.69 -3.25
CA ARG B 235 6.65 8.34 -2.15
C ARG B 235 7.72 9.42 -2.01
N MET B 236 8.27 9.55 -0.80
CA MET B 236 9.35 10.51 -0.55
C MET B 236 10.55 10.23 -1.44
N GLY B 237 11.15 11.31 -1.96
CA GLY B 237 12.27 11.20 -2.90
C GLY B 237 13.57 10.76 -2.26
N CYS B 238 14.56 10.49 -3.10
CA CYS B 238 15.89 10.08 -2.65
C CYS B 238 16.63 11.26 -2.05
N PRO B 239 17.03 11.18 -0.76
CA PRO B 239 17.75 12.29 -0.14
C PRO B 239 19.19 12.41 -0.66
N ALA B 240 19.74 13.62 -0.57
CA ALA B 240 21.05 13.93 -1.14
C ALA B 240 22.17 13.02 -0.61
N GLY B 241 22.91 12.40 -1.52
CA GLY B 241 24.03 11.53 -1.18
C GLY B 241 23.70 10.07 -0.91
N CYS B 242 22.40 9.73 -0.83
CA CYS B 242 21.97 8.38 -0.53
C CYS B 242 22.17 7.48 -1.75
N PRO B 243 22.89 6.34 -1.59
CA PRO B 243 23.03 5.41 -2.72
C PRO B 243 21.69 4.88 -3.24
N ARG B 244 21.61 4.61 -4.54
CA ARG B 244 20.36 4.18 -5.18
C ARG B 244 19.85 2.84 -4.65
N GLU B 245 20.77 1.93 -4.29
CA GLU B 245 20.39 0.63 -3.74
C GLU B 245 19.73 0.75 -2.37
N MET B 246 20.17 1.74 -1.57
CA MET B 246 19.52 2.06 -0.30
C MET B 246 18.14 2.71 -0.51
N TYR B 247 18.02 3.59 -1.49
CA TYR B 247 16.73 4.20 -1.82
C TYR B 247 15.73 3.20 -2.40
N ASP B 248 16.21 2.23 -3.18
CA ASP B 248 15.37 1.13 -3.66
C ASP B 248 14.75 0.37 -2.49
N LEU B 249 15.56 0.12 -1.45
CA LEU B 249 15.09 -0.58 -0.25
C LEU B 249 14.02 0.20 0.52
N MET B 250 14.10 1.53 0.52
CA MET B 250 13.06 2.37 1.12
C MET B 250 11.71 2.15 0.43
N ASN B 251 11.70 2.23 -0.89
CA ASN B 251 10.48 1.99 -1.67
C ASN B 251 9.98 0.54 -1.60
N LEU B 252 10.89 -0.39 -1.36
CA LEU B 252 10.51 -1.78 -1.08
C LEU B 252 9.86 -1.91 0.29
N CYS B 253 10.37 -1.16 1.27
CA CYS B 253 9.72 -1.05 2.58
C CYS B 253 8.37 -0.32 2.49
N TRP B 254 8.27 0.62 1.55
CA TRP B 254 7.01 1.32 1.28
C TRP B 254 6.12 0.63 0.22
N THR B 255 6.08 -0.69 0.23
CA THR B 255 5.12 -1.44 -0.60
C THR B 255 3.75 -1.30 0.05
N TYR B 256 2.76 -0.90 -0.76
CA TYR B 256 1.40 -0.65 -0.27
C TYR B 256 0.76 -1.91 0.30
N ASP B 257 0.89 -3.02 -0.43
CA ASP B 257 0.32 -4.29 0.00
C ASP B 257 1.26 -4.99 0.99
N VAL B 258 0.82 -5.06 2.26
CA VAL B 258 1.49 -5.86 3.31
C VAL B 258 2.03 -7.23 2.87
N GLU B 259 1.27 -7.93 2.04
CA GLU B 259 1.60 -9.30 1.64
C GLU B 259 2.87 -9.36 0.79
N ASN B 260 2.97 -8.43 -0.17
CA ASN B 260 4.17 -8.33 -1.02
C ASN B 260 5.32 -7.58 -0.34
N ARG B 261 5.00 -6.75 0.65
CA ARG B 261 5.99 -6.02 1.44
C ARG B 261 6.86 -7.02 2.22
N PRO B 262 8.20 -6.87 2.16
CA PRO B 262 9.07 -7.86 2.79
C PRO B 262 9.12 -7.73 4.30
N GLY B 263 9.56 -8.80 4.97
CA GLY B 263 9.83 -8.80 6.42
C GLY B 263 11.28 -8.47 6.69
N PHE B 264 11.60 -8.26 7.97
CA PHE B 264 12.97 -7.90 8.38
C PHE B 264 14.03 -8.94 8.06
N ALA B 265 13.64 -10.21 7.90
CA ALA B 265 14.54 -11.24 7.37
C ALA B 265 15.14 -10.78 6.04
N ALA B 266 14.27 -10.36 5.13
CA ALA B 266 14.67 -9.90 3.79
C ALA B 266 15.29 -8.49 3.79
N VAL B 267 14.84 -7.61 4.69
CA VAL B 267 15.38 -6.25 4.79
C VAL B 267 16.81 -6.30 5.36
N GLU B 268 17.01 -7.11 6.39
CA GLU B 268 18.34 -7.33 6.97
C GLU B 268 19.27 -8.03 5.97
N LEU B 269 18.73 -8.99 5.21
CA LEU B 269 19.49 -9.70 4.17
C LEU B 269 20.12 -8.75 3.15
N ARG B 270 19.32 -7.80 2.64
CA ARG B 270 19.81 -6.83 1.65
C ARG B 270 20.80 -5.81 2.23
N LEU B 271 20.51 -5.30 3.44
CA LEU B 271 21.41 -4.35 4.13
C LEU B 271 22.76 -4.97 4.48
N ARG B 272 22.72 -6.23 4.93
CA ARG B 272 23.94 -6.99 5.20
C ARG B 272 24.78 -7.13 3.94
N ASN B 273 24.17 -7.68 2.89
CA ASN B 273 24.86 -7.91 1.61
C ASN B 273 25.50 -6.64 1.05
N TYR B 274 24.72 -5.56 1.02
CA TYR B 274 25.20 -4.27 0.49
C TYR B 274 26.30 -3.65 1.34
N TYR B 275 26.19 -3.77 2.67
CA TYR B 275 27.18 -3.17 3.58
C TYR B 275 28.59 -3.76 3.42
N TYR B 276 28.67 -5.09 3.33
CA TYR B 276 29.97 -5.76 3.17
C TYR B 276 30.53 -5.70 1.75
N ASP B 277 29.70 -5.31 0.78
CA ASP B 277 30.19 -4.92 -0.55
C ASP B 277 30.86 -3.53 -0.49
N VAL B 278 30.32 -2.64 0.34
CA VAL B 278 30.91 -1.31 0.58
C VAL B 278 32.21 -1.40 1.40
N VAL B 279 32.25 -2.27 2.42
CA VAL B 279 33.42 -2.36 3.32
C VAL B 279 34.68 -2.91 2.61
N ASN B 280 34.48 -3.76 1.60
CA ASN B 280 35.58 -4.23 0.74
C ASN B 280 36.12 -3.12 -0.15
#